data_1TJ2
#
_entry.id   1TJ2
#
_cell.length_a   72.855
_cell.length_b   141.093
_cell.length_c   145.428
_cell.angle_alpha   90.00
_cell.angle_beta   90.00
_cell.angle_gamma   90.00
#
_symmetry.space_group_name_H-M   'I 2 2 2'
#
loop_
_entity.id
_entity.type
_entity.pdbx_description
1 polymer 'Bifunctional putA protein'
2 non-polymer 'ACETATE ION'
3 non-polymer 'FLAVIN-ADENINE DINUCLEOTIDE'
4 water water
#
_entity_poly.entity_id   1
_entity_poly.type   'polypeptide(L)'
_entity_poly.pdbx_seq_one_letter_code
;LPQSVSRAAITAAYRRPETEAVSMLLEQARLPQPVAEQAHKLAYQLADKLRNQKNASGRAGMVQGLLQEFSLSSQEGVAL
MCLAEALLRIPDKATRDALIRDKISNGNWQSHIGRSPSLFVNAATWGLLFTGKLVSTHNEASLSRSLNRIIGKSGEPLIR
KGVDMAMRLMGEQFVTGETIAEALANARKLEEKGFRYSYDMLGEAALTAADAQAYMVSYQQAIHAIGKASNGRGIYEGPG
ISIKLSALHPRYSRAQYDRVMEELYPRLKSLTLLARQYDIGINIDAEESDRLEISLDLLEKLCFEPELAGWNGIGFVIQA
YQKRCPLVIDYLIDLATRSRRRLMIRLVKGAYWDSEIKRAQMDGLEGYPVYTRKVYTDVSYLACAKKLLAVPNLIYPQFA
THNAHTLAAIYQLAGQNYYPGQYEFQCLHGMGEPLYEQVTGKVADGKLNRPCRIYAPVGTHETLLAYLVRRLLENGANTS
FVNRIADTSLPLDELVADPVTAVEKLAQQEGQTGLPHPKIPLPRDLYGHGRDNSAGLDLANEHRLASLSSALLNSALQKW
QALPMLEQPVAAGEMSPVINPAEP
;
_entity_poly.pdbx_strand_id   A
#
# COMPACT_ATOMS: atom_id res chain seq x y z
CA GLN A 3 10.85 17.54 -20.83
C GLN A 3 9.43 18.01 -21.22
N SER A 4 8.48 17.10 -21.29
CA SER A 4 7.12 17.46 -21.59
C SER A 4 6.60 18.40 -20.50
N VAL A 5 5.44 19.02 -20.75
CA VAL A 5 4.78 19.84 -19.75
C VAL A 5 4.56 19.04 -18.47
N SER A 6 4.04 17.82 -18.57
CA SER A 6 3.70 17.04 -17.37
C SER A 6 4.97 16.55 -16.64
N ARG A 7 5.95 16.06 -17.38
CA ARG A 7 7.27 15.72 -16.81
C ARG A 7 8.03 16.84 -16.10
N ALA A 8 8.04 18.01 -16.72
CA ALA A 8 8.68 19.18 -16.16
C ALA A 8 7.99 19.56 -14.86
N ALA A 9 6.67 19.44 -14.83
CA ALA A 9 5.94 19.85 -13.64
C ALA A 9 6.22 18.87 -12.47
N ILE A 10 6.52 17.61 -12.77
CA ILE A 10 6.90 16.64 -11.74
C ILE A 10 8.21 17.12 -11.13
N THR A 11 9.16 17.36 -12.01
CA THR A 11 10.50 17.79 -11.60
C THR A 11 10.41 19.01 -10.69
N ALA A 12 9.58 19.99 -11.03
CA ALA A 12 9.55 21.26 -10.28
C ALA A 12 8.89 21.09 -8.89
N ALA A 13 8.12 20.03 -8.70
CA ALA A 13 7.49 19.74 -7.40
C ALA A 13 8.34 18.87 -6.47
N TYR A 14 9.45 18.36 -6.97
CA TYR A 14 10.30 17.41 -6.24
C TYR A 14 10.34 17.61 -4.71
N ARG A 15 10.76 18.79 -4.28
CA ARG A 15 10.94 19.09 -2.85
C ARG A 15 10.32 20.42 -2.47
N ARG A 16 9.14 20.71 -3.01
CA ARG A 16 8.53 21.99 -2.76
C ARG A 16 8.16 22.10 -1.28
N PRO A 17 8.26 23.30 -0.75
CA PRO A 17 7.95 23.54 0.66
C PRO A 17 6.60 22.95 1.01
N GLU A 18 6.53 22.41 2.22
CA GLU A 18 5.38 21.67 2.69
C GLU A 18 4.18 22.59 2.88
N THR A 19 4.40 23.81 3.36
CA THR A 19 3.26 24.71 3.50
C THR A 19 2.55 24.89 2.14
N GLU A 20 3.37 24.98 1.09
CA GLU A 20 2.91 25.17 -0.28
C GLU A 20 2.20 23.92 -0.80
N ALA A 21 2.83 22.77 -0.64
CA ALA A 21 2.30 21.52 -1.21
C ALA A 21 0.99 21.16 -0.52
N VAL A 22 1.00 21.23 0.80
CA VAL A 22 -0.18 20.93 1.60
C VAL A 22 -1.32 21.91 1.32
N SER A 23 -1.02 23.21 1.21
CA SER A 23 -2.04 24.22 0.87
C SER A 23 -2.74 23.93 -0.44
N MET A 24 -1.97 23.55 -1.46
CA MET A 24 -2.55 23.21 -2.76
C MET A 24 -3.43 21.95 -2.73
N LEU A 25 -3.12 21.00 -1.84
CA LEU A 25 -3.85 19.72 -1.79
C LEU A 25 -5.20 19.83 -1.11
N LEU A 26 -5.35 20.84 -0.25
CA LEU A 26 -6.43 20.82 0.73
C LEU A 26 -7.81 20.71 0.12
N GLU A 27 -8.13 21.60 -0.81
CA GLU A 27 -9.45 21.64 -1.43
C GLU A 27 -9.67 20.45 -2.36
N GLN A 28 -8.61 19.96 -2.99
CA GLN A 28 -8.69 18.68 -3.74
C GLN A 28 -9.01 17.48 -2.84
N ALA A 29 -8.52 17.51 -1.59
CA ALA A 29 -8.77 16.41 -0.65
C ALA A 29 -10.06 16.53 0.17
N ARG A 30 -10.64 17.73 0.28
CA ARG A 30 -11.79 17.95 1.18
C ARG A 30 -12.98 17.16 0.71
N LEU A 31 -13.54 16.32 1.58
CA LEU A 31 -14.78 15.64 1.26
C LEU A 31 -15.96 16.61 1.41
N PRO A 32 -16.81 16.71 0.39
CA PRO A 32 -18.01 17.52 0.48
C PRO A 32 -18.79 17.12 1.74
N GLN A 33 -19.30 18.11 2.47
CA GLN A 33 -20.09 17.91 3.71
C GLN A 33 -20.75 16.52 3.91
N PRO A 34 -21.68 16.15 3.01
CA PRO A 34 -22.44 14.90 3.14
C PRO A 34 -21.61 13.64 2.87
N VAL A 35 -20.70 13.68 1.90
CA VAL A 35 -19.74 12.60 1.73
C VAL A 35 -18.90 12.42 3.00
N ALA A 36 -18.47 13.52 3.62
CA ALA A 36 -17.62 13.46 4.82
C ALA A 36 -18.29 12.73 5.97
N GLU A 37 -19.60 12.91 6.12
CA GLU A 37 -20.35 12.29 7.23
C GLU A 37 -20.64 10.81 7.00
N GLN A 38 -20.96 10.42 5.78
CA GLN A 38 -21.08 9.00 5.45
C GLN A 38 -19.73 8.29 5.59
N ALA A 39 -18.64 8.98 5.29
CA ALA A 39 -17.30 8.39 5.38
C ALA A 39 -17.01 8.19 6.85
N HIS A 40 -17.33 9.20 7.65
CA HIS A 40 -17.10 9.12 9.10
C HIS A 40 -17.85 7.94 9.72
N LYS A 41 -19.09 7.75 9.29
CA LYS A 41 -19.97 6.73 9.87
C LYS A 41 -19.48 5.33 9.51
N LEU A 42 -19.13 5.12 8.24
CA LEU A 42 -18.61 3.83 7.78
C LEU A 42 -17.27 3.54 8.41
N ALA A 43 -16.41 4.55 8.49
CA ALA A 43 -15.07 4.40 9.07
C ALA A 43 -15.22 3.98 10.53
N TYR A 44 -16.09 4.69 11.26
CA TYR A 44 -16.39 4.35 12.65
C TYR A 44 -16.79 2.87 12.79
N GLN A 45 -17.71 2.38 11.94
CA GLN A 45 -18.24 1.02 12.02
C GLN A 45 -17.16 -0.02 11.75
N LEU A 46 -16.41 0.18 10.68
CA LEU A 46 -15.33 -0.73 10.33
C LEU A 46 -14.34 -0.83 11.49
N ALA A 47 -13.99 0.31 12.07
CA ALA A 47 -12.95 0.36 13.10
C ALA A 47 -13.49 -0.23 14.42
N ASP A 48 -14.76 0.06 14.72
CA ASP A 48 -15.47 -0.55 15.86
C ASP A 48 -15.43 -2.09 15.78
N LYS A 49 -15.84 -2.66 14.66
CA LYS A 49 -15.83 -4.12 14.51
C LYS A 49 -14.43 -4.72 14.63
N LEU A 50 -13.42 -3.99 14.16
CA LEU A 50 -12.04 -4.45 14.12
C LEU A 50 -11.47 -4.59 15.53
N ARG A 51 -11.68 -3.54 16.31
CA ARG A 51 -11.17 -3.42 17.65
C ARG A 51 -11.86 -4.46 18.51
N ASN A 52 -13.16 -4.62 18.28
CA ASN A 52 -14.07 -5.29 19.19
C ASN A 52 -14.59 -6.59 18.60
N GLN A 53 -13.65 -7.33 17.99
CA GLN A 53 -13.90 -8.60 17.31
C GLN A 53 -14.30 -9.67 18.30
N LYS A 54 -13.43 -9.93 19.27
CA LYS A 54 -13.71 -10.85 20.37
C LYS A 54 -14.04 -10.02 21.61
N ASN A 55 -14.99 -9.09 21.46
CA ASN A 55 -15.42 -8.21 22.54
C ASN A 55 -14.26 -7.57 23.34
N ALA A 56 -13.21 -7.12 22.64
CA ALA A 56 -12.01 -6.62 23.31
C ALA A 56 -12.23 -5.35 24.14
N SER A 57 -13.20 -4.52 23.76
CA SER A 57 -13.55 -3.32 24.55
C SER A 57 -14.76 -3.51 25.47
N GLY A 58 -15.66 -4.42 25.12
CA GLY A 58 -16.75 -4.78 26.02
C GLY A 58 -16.29 -5.51 27.28
N ARG A 59 -15.05 -6.01 27.23
CA ARG A 59 -14.38 -6.66 28.36
C ARG A 59 -13.53 -5.66 29.16
N ALA A 60 -13.25 -4.49 28.56
CA ALA A 60 -12.79 -3.33 29.32
C ALA A 60 -13.93 -2.83 30.23
N GLY A 61 -15.16 -2.91 29.71
CA GLY A 61 -16.35 -2.59 30.48
C GLY A 61 -16.48 -3.34 31.79
N MET A 62 -15.75 -4.45 31.92
CA MET A 62 -15.58 -5.13 33.20
C MET A 62 -14.10 -5.19 33.56
N GLY A 77 -7.04 -6.66 41.33
CA GLY A 77 -8.11 -7.06 40.43
C GLY A 77 -7.81 -8.39 39.77
N VAL A 78 -6.57 -8.52 39.26
CA VAL A 78 -6.08 -9.77 38.68
C VAL A 78 -5.87 -10.84 39.75
N ALA A 79 -5.55 -10.42 40.98
CA ALA A 79 -5.47 -11.33 42.12
C ALA A 79 -6.83 -11.98 42.39
N LEU A 80 -7.87 -11.15 42.45
CA LEU A 80 -9.23 -11.62 42.66
C LEU A 80 -9.70 -12.60 41.58
N MET A 81 -9.29 -12.35 40.32
CA MET A 81 -9.72 -13.18 39.19
C MET A 81 -9.12 -14.56 39.25
N CYS A 82 -7.87 -14.66 39.73
CA CYS A 82 -7.24 -15.97 39.87
C CYS A 82 -7.97 -16.81 40.92
N LEU A 83 -8.50 -16.13 41.94
CA LEU A 83 -9.22 -16.78 43.02
C LEU A 83 -10.60 -17.20 42.54
N ALA A 84 -11.27 -16.30 41.83
CA ALA A 84 -12.56 -16.57 41.23
C ALA A 84 -12.48 -17.73 40.22
N GLU A 85 -11.37 -17.83 39.51
CA GLU A 85 -11.13 -18.90 38.56
C GLU A 85 -11.02 -20.24 39.29
N ALA A 86 -10.23 -20.28 40.36
CA ALA A 86 -10.02 -21.49 41.16
C ALA A 86 -11.33 -21.97 41.80
N LEU A 87 -12.13 -20.99 42.24
CA LEU A 87 -13.42 -21.27 42.83
C LEU A 87 -14.36 -21.88 41.79
N LEU A 88 -14.27 -21.41 40.55
CA LEU A 88 -15.14 -21.92 39.48
C LEU A 88 -14.75 -23.33 39.04
N ARG A 89 -13.55 -23.78 39.37
CA ARG A 89 -13.12 -25.16 39.06
C ARG A 89 -13.56 -26.17 40.13
N ILE A 90 -14.20 -25.71 41.20
CA ILE A 90 -14.83 -26.59 42.19
C ILE A 90 -16.13 -27.08 41.58
N PRO A 91 -16.27 -28.40 41.38
CA PRO A 91 -17.38 -28.93 40.58
C PRO A 91 -18.79 -28.70 41.11
N ASP A 92 -18.95 -28.72 42.43
CA ASP A 92 -20.29 -28.65 43.03
C ASP A 92 -20.47 -27.30 43.71
N LYS A 93 -21.56 -26.62 43.34
CA LYS A 93 -21.86 -25.29 43.86
C LYS A 93 -21.95 -25.25 45.39
N ALA A 94 -22.40 -26.33 46.02
CA ALA A 94 -22.60 -26.33 47.47
C ALA A 94 -21.26 -26.16 48.10
N THR A 95 -20.34 -27.05 47.73
CA THR A 95 -18.99 -27.04 48.25
C THR A 95 -18.36 -25.69 48.00
N ARG A 96 -18.54 -25.15 46.78
CA ARG A 96 -18.00 -23.81 46.42
C ARG A 96 -18.50 -22.71 47.36
N ASP A 97 -19.83 -22.57 47.49
CA ASP A 97 -20.45 -21.57 48.38
C ASP A 97 -20.06 -21.77 49.86
N ALA A 98 -20.04 -23.03 50.32
CA ALA A 98 -19.61 -23.38 51.69
C ALA A 98 -18.17 -23.00 52.03
N LEU A 99 -17.28 -23.07 51.02
CA LEU A 99 -15.89 -22.68 51.19
C LEU A 99 -15.76 -21.16 51.25
N ILE A 159 24.98 -12.22 18.09
CA ILE A 159 24.14 -11.11 17.65
C ILE A 159 23.54 -11.43 16.27
N ARG A 160 24.40 -11.79 15.32
CA ARG A 160 23.99 -12.07 13.94
C ARG A 160 22.95 -13.21 13.84
N LYS A 161 23.03 -14.19 14.75
CA LYS A 161 22.08 -15.31 14.77
C LYS A 161 20.72 -14.95 15.39
N GLY A 162 20.74 -14.14 16.46
CA GLY A 162 19.49 -13.72 17.11
C GLY A 162 18.67 -12.79 16.21
N VAL A 163 19.37 -12.05 15.37
CA VAL A 163 18.77 -11.16 14.40
C VAL A 163 18.11 -11.98 13.30
N ASP A 164 18.83 -12.93 12.75
CA ASP A 164 18.30 -13.74 11.67
C ASP A 164 17.05 -14.51 12.10
N MET A 165 17.06 -15.00 13.34
CA MET A 165 15.95 -15.80 13.88
C MET A 165 14.72 -14.96 14.19
N ALA A 166 14.93 -13.82 14.84
CA ALA A 166 13.84 -12.90 15.16
C ALA A 166 13.17 -12.39 13.89
N MET A 167 13.96 -12.21 12.83
CA MET A 167 13.47 -11.85 11.52
C MET A 167 12.51 -12.95 10.97
N ARG A 168 12.91 -14.22 11.03
CA ARG A 168 12.02 -15.28 10.55
C ARG A 168 10.74 -15.40 11.39
N LEU A 169 10.88 -15.21 12.69
CA LEU A 169 9.79 -15.36 13.63
C LEU A 169 8.74 -14.26 13.44
N MET A 170 9.18 -13.02 13.36
CA MET A 170 8.25 -11.90 13.21
C MET A 170 7.68 -11.86 11.78
N GLY A 171 8.46 -12.41 10.86
CA GLY A 171 8.23 -12.30 9.44
C GLY A 171 7.24 -13.29 8.87
N GLU A 172 7.07 -14.45 9.51
CA GLU A 172 6.22 -15.50 8.96
C GLU A 172 4.81 -15.02 8.67
N GLN A 173 4.26 -14.18 9.53
CA GLN A 173 2.90 -13.71 9.36
C GLN A 173 2.72 -12.90 8.04
N PHE A 174 3.80 -12.30 7.52
CA PHE A 174 3.73 -11.49 6.30
C PHE A 174 4.06 -12.26 5.04
N VAL A 175 4.41 -13.53 5.18
CA VAL A 175 4.85 -14.35 4.05
C VAL A 175 3.74 -15.36 3.66
N THR A 176 3.29 -15.34 2.42
CA THR A 176 2.24 -16.28 2.02
C THR A 176 2.77 -17.69 1.72
N GLY A 177 4.00 -17.77 1.20
CA GLY A 177 4.65 -19.05 0.94
C GLY A 177 6.13 -18.95 0.58
N GLU A 178 6.86 -20.06 0.61
CA GLU A 178 8.31 -20.09 0.29
C GLU A 178 8.58 -20.13 -1.21
N THR A 179 7.69 -20.78 -1.94
CA THR A 179 7.77 -20.92 -3.40
C THR A 179 6.41 -20.56 -4.02
N ILE A 180 6.42 -20.25 -5.31
CA ILE A 180 5.20 -19.74 -5.93
C ILE A 180 4.10 -20.81 -5.95
N ALA A 181 4.47 -22.05 -6.22
CA ALA A 181 3.51 -23.18 -6.16
C ALA A 181 2.81 -23.37 -4.79
N GLU A 182 3.52 -23.17 -3.70
CA GLU A 182 2.91 -23.18 -2.37
C GLU A 182 1.93 -21.99 -2.13
N ALA A 183 2.38 -20.77 -2.41
CA ALA A 183 1.51 -19.58 -2.37
C ALA A 183 0.27 -19.76 -3.22
N LEU A 184 0.44 -20.19 -4.48
CA LEU A 184 -0.67 -20.36 -5.41
C LEU A 184 -1.62 -21.48 -4.93
N ALA A 185 -1.08 -22.57 -4.40
CA ALA A 185 -1.93 -23.70 -4.01
C ALA A 185 -2.86 -23.30 -2.85
N ASN A 186 -2.52 -22.21 -2.15
CA ASN A 186 -3.32 -21.68 -1.04
C ASN A 186 -4.22 -20.49 -1.43
N ALA A 187 -4.39 -20.24 -2.73
CA ALA A 187 -5.03 -19.00 -3.18
C ALA A 187 -6.53 -19.11 -3.27
N ARG A 188 -7.02 -20.34 -3.44
CA ARG A 188 -8.45 -20.63 -3.58
C ARG A 188 -9.32 -20.12 -2.43
N LYS A 189 -8.87 -20.32 -1.20
CA LYS A 189 -9.69 -20.03 -0.01
C LYS A 189 -10.28 -18.63 0.00
N LEU A 190 -9.44 -17.60 -0.18
CA LEU A 190 -9.95 -16.23 -0.18
C LEU A 190 -10.41 -15.83 -1.59
N GLU A 191 -9.87 -16.46 -2.64
CA GLU A 191 -10.31 -16.16 -4.01
C GLU A 191 -11.79 -16.49 -4.23
N GLU A 192 -12.28 -17.49 -3.51
CA GLU A 192 -13.69 -17.89 -3.59
C GLU A 192 -14.59 -16.92 -2.84
N LYS A 193 -14.02 -16.24 -1.83
CA LYS A 193 -14.76 -15.22 -1.08
C LYS A 193 -14.80 -13.89 -1.84
N GLY A 194 -14.00 -13.79 -2.91
CA GLY A 194 -13.94 -12.61 -3.77
C GLY A 194 -12.63 -11.81 -3.66
N PHE A 195 -11.62 -12.34 -2.98
CA PHE A 195 -10.32 -11.69 -2.92
C PHE A 195 -9.56 -11.99 -4.21
N ARG A 196 -8.63 -11.12 -4.55
CA ARG A 196 -7.65 -11.41 -5.60
C ARG A 196 -6.24 -11.39 -5.01
N TYR A 197 -5.23 -11.70 -5.83
CA TYR A 197 -3.86 -11.70 -5.39
C TYR A 197 -2.92 -11.00 -6.34
N SER A 198 -1.88 -10.40 -5.77
CA SER A 198 -0.68 -9.95 -6.49
C SER A 198 0.52 -10.56 -5.78
N TYR A 199 1.24 -11.46 -6.45
CA TYR A 199 2.38 -12.15 -5.81
C TYR A 199 3.65 -11.38 -5.98
N ASP A 200 4.35 -11.23 -4.88
CA ASP A 200 5.62 -10.49 -4.81
C ASP A 200 6.71 -11.54 -4.53
N MET A 201 7.54 -11.83 -5.52
CA MET A 201 8.73 -12.66 -5.31
C MET A 201 9.74 -11.83 -4.52
N LEU A 202 9.87 -12.13 -3.23
CA LEU A 202 10.74 -11.35 -2.35
C LEU A 202 12.17 -11.27 -2.87
N GLY A 203 12.79 -10.10 -2.70
CA GLY A 203 14.17 -9.89 -3.10
C GLY A 203 14.26 -8.59 -3.85
N GLU A 204 15.29 -7.80 -3.53
CA GLU A 204 15.43 -6.46 -4.07
C GLU A 204 16.86 -5.98 -3.99
N ALA A 205 17.15 -4.82 -4.58
CA ALA A 205 18.45 -4.19 -4.47
C ALA A 205 19.59 -5.17 -4.86
N ALA A 206 19.43 -5.83 -6.00
CA ALA A 206 20.45 -6.75 -6.50
C ALA A 206 21.81 -6.05 -6.54
N LEU A 207 22.81 -6.66 -5.89
CA LEU A 207 24.16 -6.06 -5.87
C LEU A 207 25.04 -6.48 -7.05
N THR A 208 24.83 -7.69 -7.57
CA THR A 208 25.64 -8.17 -8.70
C THR A 208 24.83 -8.56 -9.95
N ALA A 209 25.55 -8.74 -11.07
CA ALA A 209 24.96 -9.17 -12.35
C ALA A 209 24.28 -10.51 -12.18
N ALA A 210 24.93 -11.41 -11.46
CA ALA A 210 24.37 -12.73 -11.16
C ALA A 210 23.11 -12.60 -10.28
N ASP A 211 23.11 -11.68 -9.31
CA ASP A 211 21.93 -11.54 -8.45
C ASP A 211 20.67 -11.13 -9.23
N ALA A 212 20.86 -10.26 -10.21
CA ALA A 212 19.79 -9.68 -11.00
C ALA A 212 19.29 -10.67 -12.02
N GLN A 213 20.22 -11.52 -12.49
CA GLN A 213 19.87 -12.61 -13.39
C GLN A 213 18.97 -13.60 -12.66
N ALA A 214 19.37 -13.99 -11.46
CA ALA A 214 18.57 -14.93 -10.67
C ALA A 214 17.16 -14.36 -10.29
N TYR A 215 17.06 -13.05 -10.02
CA TYR A 215 15.75 -12.48 -9.74
C TYR A 215 14.90 -12.57 -11.00
N MET A 216 15.51 -12.28 -12.14
CA MET A 216 14.86 -12.35 -13.44
C MET A 216 14.24 -13.71 -13.69
N VAL A 217 14.99 -14.77 -13.35
CA VAL A 217 14.54 -16.15 -13.60
C VAL A 217 13.44 -16.55 -12.61
N SER A 218 13.56 -16.13 -11.36
CA SER A 218 12.48 -16.36 -10.40
C SER A 218 11.18 -15.59 -10.83
N TYR A 219 11.32 -14.42 -11.46
CA TYR A 219 10.12 -13.67 -11.91
C TYR A 219 9.46 -14.36 -13.12
N GLN A 220 10.29 -14.86 -14.04
CA GLN A 220 9.82 -15.65 -15.20
C GLN A 220 9.06 -16.90 -14.76
N GLN A 221 9.70 -17.68 -13.90
CA GLN A 221 9.08 -18.87 -13.30
C GLN A 221 7.74 -18.53 -12.67
N ALA A 222 7.72 -17.49 -11.83
CA ALA A 222 6.50 -17.06 -11.14
C ALA A 222 5.37 -16.72 -12.12
N ILE A 223 5.69 -16.05 -13.22
CA ILE A 223 4.67 -15.61 -14.19
C ILE A 223 4.06 -16.83 -14.88
N HIS A 224 4.91 -17.83 -15.19
CA HIS A 224 4.41 -19.09 -15.73
C HIS A 224 3.42 -19.72 -14.76
N ALA A 225 3.80 -19.85 -13.50
CA ALA A 225 2.94 -20.47 -12.50
C ALA A 225 1.64 -19.68 -12.24
N ILE A 226 1.74 -18.36 -12.17
CA ILE A 226 0.57 -17.52 -11.86
C ILE A 226 -0.37 -17.53 -13.02
N GLY A 227 0.20 -17.41 -14.22
CA GLY A 227 -0.55 -17.35 -15.44
C GLY A 227 -1.25 -18.66 -15.75
N LYS A 228 -0.66 -19.80 -15.34
CA LYS A 228 -1.31 -21.11 -15.54
C LYS A 228 -2.41 -21.25 -14.52
N ALA A 229 -2.17 -20.78 -13.30
CA ALA A 229 -3.22 -20.80 -12.30
C ALA A 229 -4.32 -19.77 -12.65
N SER A 230 -3.97 -18.63 -13.27
CA SER A 230 -5.00 -17.65 -13.68
C SER A 230 -5.95 -18.27 -14.70
N ASN A 231 -5.39 -18.97 -15.68
CA ASN A 231 -6.17 -19.79 -16.61
C ASN A 231 -7.23 -18.97 -17.35
N GLY A 232 -6.87 -17.76 -17.76
CA GLY A 232 -7.72 -16.93 -18.59
C GLY A 232 -8.64 -15.99 -17.83
N ARG A 233 -8.64 -16.02 -16.48
CA ARG A 233 -9.49 -15.14 -15.68
C ARG A 233 -9.24 -13.63 -15.89
N GLY A 234 -8.07 -13.29 -16.43
CA GLY A 234 -7.78 -11.95 -16.89
C GLY A 234 -7.25 -11.03 -15.80
N ILE A 235 -6.99 -9.77 -16.15
CA ILE A 235 -6.19 -8.90 -15.30
C ILE A 235 -6.93 -8.41 -14.06
N TYR A 236 -8.27 -8.41 -14.10
CA TYR A 236 -9.06 -7.89 -12.99
C TYR A 236 -9.35 -9.02 -11.96
N GLU A 237 -9.95 -10.10 -12.43
CA GLU A 237 -10.39 -11.18 -11.55
C GLU A 237 -9.24 -12.09 -11.22
N GLY A 238 -8.35 -12.26 -12.18
CA GLY A 238 -7.23 -13.18 -12.01
C GLY A 238 -6.07 -12.58 -11.24
N PRO A 239 -5.20 -13.46 -10.74
CA PRO A 239 -4.02 -13.00 -10.03
C PRO A 239 -3.05 -12.28 -10.94
N GLY A 240 -2.23 -11.42 -10.35
CA GLY A 240 -1.15 -10.77 -11.06
C GLY A 240 0.16 -10.93 -10.30
N ILE A 241 1.18 -10.27 -10.82
CA ILE A 241 2.47 -10.26 -10.21
C ILE A 241 2.96 -8.80 -9.96
N SER A 242 3.77 -8.64 -8.93
CA SER A 242 4.42 -7.38 -8.61
C SER A 242 5.92 -7.57 -8.68
N ILE A 243 6.60 -6.63 -9.31
CA ILE A 243 8.04 -6.67 -9.48
C ILE A 243 8.70 -5.39 -8.99
N LYS A 244 9.94 -5.54 -8.52
CA LYS A 244 10.79 -4.44 -8.12
C LYS A 244 11.92 -4.28 -9.12
N LEU A 245 11.97 -3.10 -9.73
CA LEU A 245 12.98 -2.79 -10.69
C LEU A 245 14.41 -2.95 -10.10
N SER A 246 14.57 -2.71 -8.79
CA SER A 246 15.87 -2.82 -8.12
C SER A 246 16.39 -4.25 -8.14
N ALA A 247 15.48 -5.22 -8.23
CA ALA A 247 15.85 -6.62 -8.34
C ALA A 247 16.39 -7.00 -9.73
N LEU A 248 16.14 -6.18 -10.74
CA LEU A 248 16.45 -6.54 -12.13
C LEU A 248 17.75 -5.95 -12.70
N HIS A 249 18.35 -5.01 -12.00
CA HIS A 249 19.55 -4.33 -12.45
C HIS A 249 20.52 -4.22 -11.26
N PRO A 250 21.78 -4.58 -11.47
CA PRO A 250 22.76 -4.50 -10.38
C PRO A 250 23.00 -3.09 -9.96
N ARG A 251 22.98 -2.85 -8.66
CA ARG A 251 23.26 -1.53 -8.12
C ARG A 251 22.34 -0.48 -8.70
N TYR A 252 21.07 -0.85 -8.85
CA TYR A 252 20.02 0.05 -9.33
C TYR A 252 20.06 1.40 -8.67
N SER A 253 20.30 1.42 -7.36
CA SER A 253 20.22 2.65 -6.57
C SER A 253 21.06 3.76 -7.19
N ARG A 254 22.18 3.42 -7.81
CA ARG A 254 23.02 4.44 -8.46
C ARG A 254 23.16 4.29 -9.97
N ALA A 255 22.37 3.40 -10.59
CA ALA A 255 22.52 3.17 -12.03
C ALA A 255 22.15 4.39 -12.86
N GLN A 256 22.92 4.59 -13.94
CA GLN A 256 22.74 5.73 -14.83
C GLN A 256 21.74 5.36 -15.91
N TYR A 257 21.13 6.39 -16.48
CA TYR A 257 20.08 6.26 -17.51
C TYR A 257 20.44 5.32 -18.64
N ASP A 258 21.66 5.42 -19.18
CA ASP A 258 22.00 4.66 -20.38
C ASP A 258 22.15 3.16 -20.10
N ARG A 259 22.76 2.81 -18.96
CA ARG A 259 22.90 1.40 -18.58
C ARG A 259 21.52 0.77 -18.25
N VAL A 260 20.60 1.58 -17.72
CA VAL A 260 19.30 1.06 -17.28
C VAL A 260 18.46 0.69 -18.51
N MET A 261 18.41 1.62 -19.46
CA MET A 261 17.74 1.40 -20.75
C MET A 261 18.33 0.25 -21.55
N GLU A 262 19.65 0.07 -21.47
CA GLU A 262 20.34 -1.00 -22.21
C GLU A 262 20.05 -2.37 -21.61
N GLU A 263 20.04 -2.44 -20.27
CA GLU A 263 20.04 -3.71 -19.57
C GLU A 263 18.74 -3.98 -18.84
N LEU A 264 18.27 -3.02 -18.05
CA LEU A 264 17.04 -3.21 -17.31
C LEU A 264 15.86 -3.31 -18.25
N TYR A 265 15.70 -2.31 -19.12
CA TYR A 265 14.55 -2.23 -19.98
C TYR A 265 14.22 -3.50 -20.74
N PRO A 266 15.18 -4.13 -21.44
CA PRO A 266 14.86 -5.41 -22.10
C PRO A 266 14.33 -6.47 -21.13
N ARG A 267 14.77 -6.53 -19.89
CA ARG A 267 14.18 -7.49 -18.94
C ARG A 267 12.74 -7.13 -18.50
N LEU A 268 12.48 -5.85 -18.29
CA LEU A 268 11.13 -5.41 -17.96
C LEU A 268 10.19 -5.75 -19.13
N LYS A 269 10.59 -5.34 -20.32
CA LYS A 269 9.84 -5.63 -21.53
C LYS A 269 9.51 -7.12 -21.67
N SER A 270 10.51 -7.97 -21.45
CA SER A 270 10.38 -9.41 -21.62
C SER A 270 9.40 -10.00 -20.59
N LEU A 271 9.51 -9.60 -19.33
CA LEU A 271 8.56 -10.05 -18.31
C LEU A 271 7.11 -9.61 -18.62
N THR A 272 6.99 -8.41 -19.17
CA THR A 272 5.66 -7.82 -19.45
C THR A 272 4.99 -8.56 -20.61
N LEU A 273 5.73 -8.83 -21.68
CA LEU A 273 5.20 -9.61 -22.81
C LEU A 273 4.71 -10.97 -22.34
N LEU A 274 5.50 -11.61 -21.48
CA LEU A 274 5.08 -12.87 -20.89
C LEU A 274 3.79 -12.74 -20.08
N ALA A 275 3.67 -11.73 -19.21
CA ALA A 275 2.46 -11.53 -18.41
C ALA A 275 1.27 -11.35 -19.35
N ARG A 276 1.50 -10.69 -20.47
CA ARG A 276 0.48 -10.44 -21.44
C ARG A 276 0.04 -11.72 -22.14
N GLN A 277 0.95 -12.68 -22.34
CA GLN A 277 0.57 -13.97 -22.94
C GLN A 277 -0.40 -14.71 -22.07
N TYR A 278 -0.24 -14.60 -20.76
CA TYR A 278 -1.12 -15.26 -19.79
C TYR A 278 -2.28 -14.35 -19.39
N ASP A 279 -2.29 -13.13 -19.93
CA ASP A 279 -3.27 -12.10 -19.55
C ASP A 279 -3.39 -11.96 -18.02
N ILE A 280 -2.26 -11.73 -17.36
CA ILE A 280 -2.22 -11.37 -15.93
C ILE A 280 -1.65 -9.98 -15.77
N GLY A 281 -2.07 -9.30 -14.71
CA GLY A 281 -1.53 -8.01 -14.35
C GLY A 281 -0.08 -8.11 -13.92
N ILE A 282 0.70 -7.13 -14.35
CA ILE A 282 2.09 -6.98 -13.94
C ILE A 282 2.31 -5.57 -13.48
N ASN A 283 2.57 -5.47 -12.19
CA ASN A 283 2.72 -4.21 -11.48
C ASN A 283 4.18 -3.88 -11.16
N ILE A 284 4.59 -2.65 -11.43
CA ILE A 284 5.91 -2.14 -11.06
C ILE A 284 5.81 -1.45 -9.70
N ASP A 285 6.39 -2.07 -8.67
CA ASP A 285 6.40 -1.53 -7.33
C ASP A 285 7.22 -0.27 -7.29
N ALA A 286 6.83 0.68 -6.45
CA ALA A 286 7.59 1.91 -6.22
C ALA A 286 8.57 1.74 -5.08
N GLU A 287 9.80 2.24 -5.25
CA GLU A 287 10.83 2.09 -4.24
C GLU A 287 11.28 3.47 -3.77
N GLU A 288 12.58 3.72 -3.68
CA GLU A 288 13.10 4.97 -3.12
C GLU A 288 12.84 6.11 -4.07
N SER A 289 12.74 7.33 -3.54
CA SER A 289 12.26 8.46 -4.34
C SER A 289 13.23 8.89 -5.45
N ASP A 290 14.53 8.62 -5.31
CA ASP A 290 15.47 9.06 -6.32
C ASP A 290 15.40 8.15 -7.54
N ARG A 291 14.61 7.09 -7.44
CA ARG A 291 14.35 6.22 -8.59
C ARG A 291 13.03 6.50 -9.31
N LEU A 292 12.21 7.41 -8.81
CA LEU A 292 10.96 7.70 -9.50
C LEU A 292 11.18 8.08 -10.98
N GLU A 293 12.08 9.00 -11.23
CA GLU A 293 12.27 9.54 -12.58
C GLU A 293 12.63 8.44 -13.57
N ILE A 294 13.57 7.59 -13.21
CA ILE A 294 13.97 6.52 -14.13
C ILE A 294 12.84 5.51 -14.32
N SER A 295 12.07 5.24 -13.27
CA SER A 295 10.93 4.33 -13.43
C SER A 295 9.92 4.88 -14.41
N LEU A 296 9.75 6.20 -14.44
CA LEU A 296 8.85 6.84 -15.38
C LEU A 296 9.37 6.73 -16.83
N ASP A 297 10.70 6.84 -16.99
CA ASP A 297 11.33 6.68 -18.31
C ASP A 297 11.09 5.27 -18.81
N LEU A 298 11.21 4.30 -17.92
CA LEU A 298 11.00 2.88 -18.24
C LEU A 298 9.54 2.57 -18.60
N LEU A 299 8.61 3.12 -17.82
CA LEU A 299 7.18 2.95 -18.01
C LEU A 299 6.76 3.49 -19.39
N GLU A 300 7.24 4.69 -19.69
CA GLU A 300 6.96 5.42 -20.91
C GLU A 300 7.28 4.57 -22.14
N LYS A 301 8.49 4.02 -22.18
CA LYS A 301 8.92 3.21 -23.30
C LYS A 301 8.05 1.95 -23.36
N LEU A 302 7.83 1.35 -22.21
CA LEU A 302 7.10 0.10 -22.13
C LEU A 302 5.72 0.24 -22.73
N CYS A 303 5.07 1.39 -22.49
CA CYS A 303 3.70 1.62 -22.91
C CYS A 303 3.54 1.77 -24.42
N PHE A 304 4.65 2.01 -25.12
CA PHE A 304 4.61 2.14 -26.58
C PHE A 304 5.15 0.92 -27.34
N GLU A 305 5.35 -0.19 -26.66
CA GLU A 305 5.70 -1.44 -27.34
C GLU A 305 4.51 -1.94 -28.18
N PRO A 306 4.73 -2.21 -29.48
CA PRO A 306 3.67 -2.71 -30.35
C PRO A 306 3.02 -3.99 -29.84
N GLU A 307 3.81 -4.87 -29.24
CA GLU A 307 3.31 -6.16 -28.77
C GLU A 307 2.35 -6.02 -27.59
N LEU A 308 2.31 -4.83 -26.98
CA LEU A 308 1.45 -4.52 -25.86
C LEU A 308 0.30 -3.56 -26.23
N ALA A 309 0.17 -3.24 -27.51
CA ALA A 309 -0.93 -2.42 -27.96
C ALA A 309 -2.27 -3.11 -27.61
N GLY A 310 -3.24 -2.34 -27.12
CA GLY A 310 -4.56 -2.86 -26.78
C GLY A 310 -4.66 -3.65 -25.46
N TRP A 311 -3.55 -3.83 -24.76
CA TRP A 311 -3.54 -4.59 -23.51
C TRP A 311 -3.34 -3.66 -22.31
N ASN A 312 -4.15 -3.84 -21.28
CA ASN A 312 -4.29 -2.87 -20.16
C ASN A 312 -3.76 -3.47 -18.86
N GLY A 313 -2.84 -4.44 -18.99
CA GLY A 313 -2.35 -5.20 -17.86
C GLY A 313 -1.16 -4.57 -17.13
N ILE A 314 -0.61 -3.50 -17.67
CA ILE A 314 0.51 -2.82 -17.03
C ILE A 314 0.01 -2.07 -15.82
N GLY A 315 0.63 -2.35 -14.68
CA GLY A 315 0.39 -1.66 -13.44
C GLY A 315 1.59 -0.88 -12.97
N PHE A 316 1.32 0.20 -12.26
CA PHE A 316 2.36 1.06 -11.73
C PHE A 316 1.93 1.64 -10.38
N VAL A 317 2.82 1.62 -9.39
CA VAL A 317 2.54 2.17 -8.05
C VAL A 317 2.96 3.62 -8.00
N ILE A 318 2.12 4.46 -7.36
CA ILE A 318 2.51 5.81 -7.00
C ILE A 318 2.34 6.03 -5.47
N GLN A 319 3.27 6.76 -4.88
CA GLN A 319 3.40 6.92 -3.43
C GLN A 319 2.90 8.30 -3.02
N ALA A 320 1.74 8.35 -2.36
CA ALA A 320 1.14 9.65 -1.93
C ALA A 320 1.95 10.44 -0.93
N TYR A 321 2.94 9.82 -0.28
CA TYR A 321 3.79 10.59 0.65
C TYR A 321 4.78 11.48 -0.06
N GLN A 322 4.86 11.37 -1.39
CA GLN A 322 5.71 12.25 -2.18
C GLN A 322 4.96 13.52 -2.60
N LYS A 323 5.66 14.62 -2.51
CA LYS A 323 5.21 15.88 -3.08
C LYS A 323 4.87 15.75 -4.57
N ARG A 324 5.60 14.92 -5.28
CA ARG A 324 5.38 14.72 -6.70
C ARG A 324 4.12 13.99 -7.10
N CYS A 325 3.52 13.24 -6.18
CA CYS A 325 2.45 12.32 -6.52
C CYS A 325 1.35 12.88 -7.44
N PRO A 326 0.72 13.98 -7.07
CA PRO A 326 -0.34 14.52 -7.93
C PRO A 326 0.17 14.82 -9.31
N LEU A 327 1.43 15.25 -9.45
CA LEU A 327 1.98 15.61 -10.76
C LEU A 327 2.32 14.35 -11.57
N VAL A 328 2.70 13.28 -10.88
CA VAL A 328 2.90 12.01 -11.53
C VAL A 328 1.55 11.51 -12.12
N ILE A 329 0.46 11.72 -11.39
CA ILE A 329 -0.85 11.38 -11.90
C ILE A 329 -1.19 12.16 -13.19
N ASP A 330 -0.86 13.45 -13.28
CA ASP A 330 -1.20 14.20 -14.46
C ASP A 330 -0.43 13.57 -15.61
N TYR A 331 0.83 13.19 -15.34
CA TYR A 331 1.68 12.53 -16.33
C TYR A 331 1.07 11.20 -16.79
N LEU A 332 0.63 10.39 -15.84
CA LEU A 332 0.08 9.07 -16.14
C LEU A 332 -1.20 9.18 -16.96
N ILE A 333 -2.05 10.15 -16.64
CA ILE A 333 -3.28 10.38 -17.37
C ILE A 333 -2.96 10.68 -18.84
N ASP A 334 -1.99 11.54 -19.06
CA ASP A 334 -1.52 11.85 -20.40
C ASP A 334 -0.84 10.65 -21.08
N LEU A 335 -0.12 9.85 -20.32
CA LEU A 335 0.49 8.64 -20.90
C LEU A 335 -0.54 7.61 -21.30
N ALA A 336 -1.59 7.46 -20.50
CA ALA A 336 -2.64 6.51 -20.85
C ALA A 336 -3.31 6.93 -22.16
N THR A 337 -3.54 8.22 -22.32
CA THR A 337 -4.14 8.77 -23.52
C THR A 337 -3.24 8.52 -24.73
N ARG A 338 -1.97 8.95 -24.63
CA ARG A 338 -1.07 8.92 -25.79
C ARG A 338 -0.82 7.48 -26.20
N SER A 339 -0.68 6.57 -25.23
CA SER A 339 -0.38 5.18 -25.49
C SER A 339 -1.62 4.29 -25.64
N ARG A 340 -2.80 4.90 -25.60
CA ARG A 340 -4.09 4.21 -25.85
C ARG A 340 -4.35 3.00 -24.96
N ARG A 341 -4.36 3.24 -23.66
CA ARG A 341 -4.53 2.14 -22.71
C ARG A 341 -5.12 2.65 -21.40
N ARG A 342 -5.64 1.73 -20.62
CA ARG A 342 -6.05 1.94 -19.24
C ARG A 342 -4.94 1.40 -18.35
N LEU A 343 -4.31 2.27 -17.57
CA LEU A 343 -3.24 1.85 -16.66
C LEU A 343 -3.86 1.34 -15.35
N MET A 344 -3.31 0.24 -14.83
CA MET A 344 -3.62 -0.20 -13.48
C MET A 344 -2.72 0.60 -12.55
N ILE A 345 -3.28 1.43 -11.68
CA ILE A 345 -2.45 2.30 -10.84
C ILE A 345 -2.71 2.03 -9.35
N ARG A 346 -1.69 1.54 -8.63
CA ARG A 346 -1.83 1.28 -7.21
C ARG A 346 -1.43 2.54 -6.49
N LEU A 347 -2.37 3.15 -5.78
CA LEU A 347 -2.09 4.33 -5.00
C LEU A 347 -1.79 3.83 -3.61
N VAL A 348 -0.59 4.16 -3.15
CA VAL A 348 -0.15 3.83 -1.79
C VAL A 348 0.23 5.09 -1.06
N LYS A 349 0.48 5.00 0.25
CA LYS A 349 1.08 6.11 0.96
C LYS A 349 2.60 6.05 0.73
N GLY A 350 3.25 5.02 1.24
CA GLY A 350 4.61 4.65 0.89
C GLY A 350 5.28 3.88 2.01
N ALA A 351 6.29 3.07 1.64
CA ALA A 351 6.89 2.14 2.58
C ALA A 351 8.24 2.54 3.09
N TYR A 352 8.84 3.61 2.56
CA TYR A 352 10.24 3.91 2.85
C TYR A 352 10.43 5.20 3.64
N TRP A 353 9.43 5.63 4.39
CA TRP A 353 9.43 6.97 4.94
C TRP A 353 10.63 7.25 5.86
N ASP A 354 10.93 6.34 6.78
CA ASP A 354 12.05 6.56 7.72
C ASP A 354 13.36 6.76 6.95
N SER A 355 13.65 5.90 5.99
CA SER A 355 14.83 6.06 5.14
C SER A 355 14.80 7.29 4.26
N GLU A 356 13.62 7.68 3.77
CA GLU A 356 13.60 8.89 2.95
C GLU A 356 14.05 10.14 3.80
N ILE A 357 13.55 10.19 5.04
CA ILE A 357 13.90 11.29 5.95
C ILE A 357 15.42 11.28 6.20
N LYS A 358 15.98 10.12 6.53
CA LYS A 358 17.42 9.99 6.84
C LYS A 358 18.26 10.38 5.64
N ARG A 359 17.89 9.86 4.48
CA ARG A 359 18.52 10.18 3.20
C ARG A 359 18.60 11.68 2.90
N ALA A 360 17.46 12.37 3.02
CA ALA A 360 17.41 13.81 2.73
C ALA A 360 18.20 14.61 3.78
N GLN A 361 18.26 14.10 5.01
CA GLN A 361 18.96 14.79 6.11
C GLN A 361 20.47 14.63 5.88
N MET A 362 20.87 13.54 5.21
CA MET A 362 22.28 13.34 4.85
C MET A 362 22.67 14.11 3.59
N ASP A 363 21.76 14.25 2.62
CA ASP A 363 22.07 14.98 1.39
C ASP A 363 22.13 16.51 1.59
N GLY A 364 21.54 17.05 2.65
CA GLY A 364 21.53 18.49 2.88
C GLY A 364 20.99 19.37 1.74
N LEU A 365 19.92 18.93 1.08
CA LEU A 365 19.29 19.71 -0.02
C LEU A 365 18.21 20.66 0.53
N GLU A 366 17.49 21.34 -0.36
CA GLU A 366 16.56 22.42 0.06
C GLU A 366 15.38 21.93 0.92
N GLY A 367 15.09 20.63 0.86
CA GLY A 367 13.93 20.07 1.52
C GLY A 367 13.73 18.59 1.30
N TYR A 368 12.60 18.09 1.76
CA TYR A 368 12.29 16.66 1.69
C TYR A 368 11.42 16.36 0.46
N PRO A 369 11.62 15.20 -0.16
CA PRO A 369 10.75 14.73 -1.23
C PRO A 369 9.43 14.10 -0.72
N VAL A 370 9.33 13.84 0.59
CA VAL A 370 8.12 13.36 1.24
C VAL A 370 7.62 14.37 2.27
N TYR A 371 6.38 14.22 2.70
CA TYR A 371 5.81 15.02 3.78
C TYR A 371 6.46 14.56 5.07
N THR A 372 6.43 15.44 6.08
CA THR A 372 6.98 15.13 7.40
C THR A 372 5.96 14.88 8.50
N ARG A 373 4.69 15.20 8.23
CA ARG A 373 3.59 14.84 9.15
C ARG A 373 2.66 13.85 8.50
N LYS A 374 2.28 12.80 9.25
CA LYS A 374 1.59 11.68 8.65
C LYS A 374 0.25 12.17 8.06
N VAL A 375 -0.38 13.13 8.73
CA VAL A 375 -1.66 13.64 8.30
C VAL A 375 -1.60 14.25 6.90
N TYR A 376 -0.47 14.86 6.52
CA TYR A 376 -0.31 15.42 5.20
C TYR A 376 -0.29 14.34 4.12
N THR A 377 0.37 13.23 4.42
CA THR A 377 0.31 12.05 3.54
C THR A 377 -1.13 11.62 3.36
N ASP A 378 -1.92 11.55 4.45
CA ASP A 378 -3.33 11.18 4.37
C ASP A 378 -4.12 12.10 3.43
N VAL A 379 -3.90 13.40 3.56
CA VAL A 379 -4.54 14.39 2.70
C VAL A 379 -4.11 14.20 1.25
N SER A 380 -2.81 14.00 1.03
CA SER A 380 -2.27 13.76 -0.31
C SER A 380 -2.96 12.51 -0.97
N TYR A 381 -3.09 11.43 -0.23
CA TYR A 381 -3.76 10.22 -0.70
C TYR A 381 -5.20 10.50 -1.15
N LEU A 382 -5.94 11.27 -0.36
CA LEU A 382 -7.31 11.56 -0.70
C LEU A 382 -7.42 12.43 -1.92
N ALA A 383 -6.59 13.46 -2.00
CA ALA A 383 -6.55 14.30 -3.19
C ALA A 383 -6.17 13.46 -4.42
N CYS A 384 -5.17 12.58 -4.28
CA CYS A 384 -4.74 11.76 -5.40
C CYS A 384 -5.82 10.78 -5.83
N ALA A 385 -6.53 10.22 -4.86
CA ALA A 385 -7.60 9.28 -5.12
C ALA A 385 -8.74 9.90 -5.93
N LYS A 386 -9.13 11.12 -5.58
CA LYS A 386 -10.12 11.89 -6.37
C LYS A 386 -9.67 12.04 -7.80
N LYS A 387 -8.41 12.43 -7.98
CA LYS A 387 -7.86 12.55 -9.33
C LYS A 387 -7.94 11.22 -10.13
N LEU A 388 -7.67 10.14 -9.46
CA LEU A 388 -7.65 8.83 -10.13
C LEU A 388 -9.06 8.43 -10.52
N LEU A 389 -10.00 8.62 -9.61
CA LEU A 389 -11.39 8.22 -9.82
C LEU A 389 -12.09 9.04 -10.89
N ALA A 390 -11.58 10.23 -11.21
CA ALA A 390 -12.18 11.05 -12.23
C ALA A 390 -11.97 10.54 -13.66
N VAL A 391 -11.03 9.63 -13.86
CA VAL A 391 -10.67 9.21 -15.21
C VAL A 391 -10.72 7.70 -15.41
N PRO A 392 -11.90 7.08 -15.21
CA PRO A 392 -12.06 5.63 -15.36
C PRO A 392 -11.75 5.05 -16.70
N ASN A 393 -11.82 5.84 -17.77
CA ASN A 393 -11.40 5.36 -19.07
C ASN A 393 -9.85 5.18 -19.17
N LEU A 394 -9.10 5.90 -18.34
CA LEU A 394 -7.63 5.93 -18.44
C LEU A 394 -6.92 5.17 -17.33
N ILE A 395 -7.59 4.97 -16.21
CA ILE A 395 -6.96 4.38 -15.01
C ILE A 395 -7.93 3.47 -14.26
N TYR A 396 -7.40 2.32 -13.85
CA TYR A 396 -8.03 1.44 -12.89
C TYR A 396 -7.29 1.65 -11.59
N PRO A 397 -7.92 2.39 -10.66
CA PRO A 397 -7.26 2.66 -9.38
C PRO A 397 -7.31 1.45 -8.46
N GLN A 398 -6.19 1.22 -7.81
CA GLN A 398 -6.06 0.15 -6.82
C GLN A 398 -5.61 0.78 -5.52
N PHE A 399 -6.54 0.89 -4.60
CA PHE A 399 -6.36 1.72 -3.43
C PHE A 399 -5.88 0.87 -2.29
N ALA A 400 -4.58 0.88 -2.16
CA ALA A 400 -3.85 0.10 -1.16
C ALA A 400 -3.90 0.80 0.19
N THR A 401 -4.57 0.20 1.17
CA THR A 401 -4.62 0.76 2.51
C THR A 401 -5.18 -0.22 3.56
N HIS A 402 -4.72 -0.07 4.80
CA HIS A 402 -5.26 -0.77 5.95
C HIS A 402 -5.96 0.20 6.89
N ASN A 403 -6.17 1.44 6.44
CA ASN A 403 -6.74 2.50 7.30
C ASN A 403 -8.24 2.57 6.97
N ALA A 404 -9.07 2.38 8.02
CA ALA A 404 -10.52 2.34 7.88
C ALA A 404 -11.10 3.65 7.39
N HIS A 405 -10.55 4.78 7.83
CA HIS A 405 -11.03 6.04 7.29
C HIS A 405 -10.68 6.16 5.80
N THR A 406 -9.43 5.91 5.45
CA THR A 406 -8.99 5.95 4.08
C THR A 406 -9.90 5.12 3.18
N LEU A 407 -10.11 3.88 3.60
CA LEU A 407 -11.01 2.97 2.89
C LEU A 407 -12.42 3.58 2.77
N ALA A 408 -13.00 4.06 3.87
CA ALA A 408 -14.37 4.60 3.85
C ALA A 408 -14.46 5.84 2.97
N ALA A 409 -13.41 6.67 2.98
CA ALA A 409 -13.40 7.89 2.19
C ALA A 409 -13.41 7.54 0.70
N ILE A 410 -12.57 6.60 0.30
CA ILE A 410 -12.51 6.15 -1.09
C ILE A 410 -13.86 5.53 -1.54
N TYR A 411 -14.40 4.64 -0.71
CA TYR A 411 -15.71 4.04 -0.93
C TYR A 411 -16.76 5.09 -1.29
N GLN A 412 -16.80 6.19 -0.53
CA GLN A 412 -17.78 7.25 -0.76
C GLN A 412 -17.39 8.14 -1.97
N LEU A 413 -16.12 8.45 -2.08
CA LEU A 413 -15.60 9.27 -3.17
C LEU A 413 -15.83 8.60 -4.52
N ALA A 414 -15.86 7.27 -4.56
CA ALA A 414 -16.07 6.54 -5.80
C ALA A 414 -17.50 6.71 -6.32
N GLY A 415 -18.39 7.21 -5.46
CA GLY A 415 -19.74 7.51 -5.81
C GLY A 415 -20.66 6.32 -5.86
N GLN A 416 -21.87 6.63 -6.30
CA GLN A 416 -22.88 5.60 -6.52
C GLN A 416 -22.55 4.83 -7.76
N ASN A 417 -23.13 3.66 -7.83
CA ASN A 417 -23.11 2.84 -9.01
C ASN A 417 -21.73 2.31 -9.25
N TYR A 418 -21.15 1.78 -8.19
CA TYR A 418 -20.03 0.85 -8.30
C TYR A 418 -20.28 -0.24 -9.36
N TYR A 419 -19.22 -0.58 -10.10
CA TYR A 419 -19.10 -1.74 -10.99
C TYR A 419 -17.70 -2.29 -10.76
N PRO A 420 -17.49 -3.60 -10.81
CA PRO A 420 -16.20 -4.19 -10.33
C PRO A 420 -14.90 -3.61 -10.92
N GLY A 421 -15.00 -3.34 -12.22
CA GLY A 421 -13.94 -2.70 -12.99
C GLY A 421 -13.75 -1.22 -12.75
N GLN A 422 -14.49 -0.65 -11.81
CA GLN A 422 -14.30 0.73 -11.46
C GLN A 422 -13.01 0.91 -10.65
N TYR A 423 -12.80 0.09 -9.63
CA TYR A 423 -11.60 0.19 -8.80
C TYR A 423 -11.56 -1.05 -7.92
N GLU A 424 -10.43 -1.30 -7.29
CA GLU A 424 -10.37 -2.24 -6.19
C GLU A 424 -9.57 -1.63 -5.02
N PHE A 425 -9.70 -2.27 -3.86
CA PHE A 425 -8.83 -2.08 -2.73
C PHE A 425 -7.66 -3.06 -2.85
N GLN A 426 -6.59 -2.80 -2.10
CA GLN A 426 -5.49 -3.75 -1.94
C GLN A 426 -4.99 -3.75 -0.50
N CYS A 427 -4.41 -4.86 -0.07
CA CYS A 427 -3.90 -4.97 1.28
C CYS A 427 -2.69 -5.87 1.30
N LEU A 428 -1.86 -5.78 2.33
CA LEU A 428 -0.71 -6.70 2.47
C LEU A 428 -1.13 -7.91 3.24
N HIS A 429 -0.60 -9.07 2.84
CA HIS A 429 -0.86 -10.30 3.61
C HIS A 429 -0.38 -10.12 5.06
N GLY A 430 -1.23 -10.56 6.00
CA GLY A 430 -0.94 -10.50 7.42
C GLY A 430 -1.28 -9.18 8.06
N MET A 431 -1.82 -8.25 7.27
CA MET A 431 -2.19 -6.96 7.83
C MET A 431 -3.64 -6.54 7.58
N GLY A 432 -4.20 -6.86 6.43
CA GLY A 432 -5.48 -6.29 6.07
C GLY A 432 -6.68 -7.20 6.14
N GLU A 433 -6.46 -8.49 6.39
CA GLU A 433 -7.55 -9.46 6.29
C GLU A 433 -8.73 -9.13 7.22
N PRO A 434 -8.47 -8.76 8.47
CA PRO A 434 -9.55 -8.38 9.38
C PRO A 434 -10.38 -7.18 8.93
N LEU A 435 -9.73 -6.13 8.42
CA LEU A 435 -10.47 -5.00 7.87
C LEU A 435 -11.31 -5.44 6.67
N TYR A 436 -10.69 -6.22 5.79
CA TYR A 436 -11.27 -6.50 4.49
C TYR A 436 -12.26 -7.64 4.50
N GLU A 437 -12.26 -8.43 5.59
CA GLU A 437 -13.31 -9.41 5.80
C GLU A 437 -14.66 -8.74 5.96
N GLN A 438 -14.68 -7.46 6.35
CA GLN A 438 -15.91 -6.65 6.33
C GLN A 438 -16.22 -6.01 4.94
N VAL A 439 -15.31 -6.13 3.97
CA VAL A 439 -15.40 -5.35 2.72
C VAL A 439 -15.66 -6.23 1.52
N THR A 440 -14.80 -7.22 1.32
CA THR A 440 -14.93 -8.16 0.24
C THR A 440 -15.91 -9.26 0.61
N GLY A 441 -16.95 -9.41 -0.20
CA GLY A 441 -17.97 -10.42 0.04
C GLY A 441 -19.37 -9.90 -0.20
N LYS A 442 -20.36 -10.74 0.05
CA LYS A 442 -21.75 -10.41 -0.31
C LYS A 442 -22.37 -9.41 0.66
N VAL A 443 -23.26 -8.55 0.14
CA VAL A 443 -24.00 -7.60 0.99
C VAL A 443 -24.89 -8.32 2.04
N ALA A 444 -25.37 -9.51 1.69
CA ALA A 444 -26.30 -10.24 2.58
C ALA A 444 -25.54 -10.81 3.78
N ASP A 445 -24.21 -10.92 3.67
CA ASP A 445 -23.35 -11.29 4.81
C ASP A 445 -22.78 -10.10 5.54
N GLY A 446 -23.41 -8.94 5.38
CA GLY A 446 -22.97 -7.72 6.03
C GLY A 446 -21.67 -7.12 5.46
N LYS A 447 -21.34 -7.39 4.20
CA LYS A 447 -20.10 -6.87 3.58
C LYS A 447 -20.40 -5.72 2.61
N LEU A 448 -19.38 -4.98 2.21
CA LEU A 448 -19.55 -3.87 1.28
C LEU A 448 -19.62 -4.36 -0.16
N ASN A 449 -19.18 -5.58 -0.41
CA ASN A 449 -19.09 -6.14 -1.74
C ASN A 449 -18.15 -5.27 -2.64
N ARG A 450 -16.97 -5.00 -2.15
CA ARG A 450 -15.89 -4.44 -2.95
C ARG A 450 -14.68 -5.36 -2.93
N PRO A 451 -14.10 -5.62 -4.11
CA PRO A 451 -12.98 -6.56 -4.22
C PRO A 451 -11.69 -5.98 -3.62
N CYS A 452 -10.89 -6.87 -3.08
CA CYS A 452 -9.61 -6.51 -2.49
C CYS A 452 -8.56 -7.49 -2.96
N ARG A 453 -7.42 -6.95 -3.43
CA ARG A 453 -6.29 -7.72 -3.90
C ARG A 453 -5.16 -7.75 -2.85
N ILE A 454 -4.81 -8.96 -2.44
CA ILE A 454 -3.83 -9.19 -1.39
C ILE A 454 -2.49 -9.28 -2.06
N TYR A 455 -1.57 -8.48 -1.57
CA TYR A 455 -0.18 -8.48 -1.98
C TYR A 455 0.50 -9.61 -1.19
N ALA A 456 1.03 -10.62 -1.87
CA ALA A 456 1.40 -11.88 -1.25
C ALA A 456 2.88 -12.15 -1.45
N PRO A 457 3.70 -11.83 -0.45
CA PRO A 457 5.14 -12.08 -0.59
C PRO A 457 5.46 -13.59 -0.62
N VAL A 458 6.38 -13.94 -1.50
CA VAL A 458 6.75 -15.33 -1.76
C VAL A 458 8.27 -15.42 -1.69
N GLY A 459 8.80 -16.21 -0.76
CA GLY A 459 10.22 -16.47 -0.69
C GLY A 459 10.70 -17.13 0.61
N THR A 460 11.96 -17.56 0.61
CA THR A 460 12.59 -18.12 1.80
C THR A 460 13.19 -17.02 2.69
N HIS A 461 13.70 -17.43 3.84
CA HIS A 461 14.31 -16.53 4.83
C HIS A 461 15.41 -15.62 4.28
N GLU A 462 16.10 -16.03 3.22
CA GLU A 462 17.18 -15.21 2.63
C GLU A 462 16.73 -14.00 1.80
N THR A 463 15.43 -13.88 1.54
CA THR A 463 14.90 -12.78 0.75
C THR A 463 13.97 -11.87 1.57
N LEU A 464 13.89 -12.10 2.87
CA LEU A 464 12.82 -11.51 3.70
C LEU A 464 13.20 -10.25 4.45
N LEU A 465 14.48 -10.02 4.65
CA LEU A 465 14.92 -9.02 5.61
C LEU A 465 14.34 -7.62 5.35
N ALA A 466 14.59 -7.09 4.17
CA ALA A 466 14.26 -5.70 3.89
C ALA A 466 12.73 -5.47 3.98
N TYR A 467 11.95 -6.40 3.43
CA TYR A 467 10.50 -6.32 3.46
C TYR A 467 10.01 -6.36 4.92
N LEU A 468 10.55 -7.28 5.71
CA LEU A 468 10.19 -7.38 7.14
C LEU A 468 10.46 -6.11 7.91
N VAL A 469 11.62 -5.49 7.67
CA VAL A 469 11.97 -4.28 8.40
C VAL A 469 10.94 -3.19 8.08
N ARG A 470 10.54 -3.09 6.82
CA ARG A 470 9.53 -2.09 6.46
C ARG A 470 8.22 -2.36 7.17
N ARG A 471 7.87 -3.63 7.32
CA ARG A 471 6.67 -4.00 8.08
C ARG A 471 6.80 -3.67 9.56
N LEU A 472 8.00 -3.79 10.14
CA LEU A 472 8.11 -3.45 11.57
C LEU A 472 7.94 -1.98 11.75
N LEU A 473 8.55 -1.20 10.87
CA LEU A 473 8.39 0.24 10.93
C LEU A 473 6.93 0.63 10.75
N GLU A 474 6.25 0.00 9.80
CA GLU A 474 4.84 0.29 9.54
C GLU A 474 3.96 -0.04 10.77
N ASN A 475 4.11 -1.24 11.30
CA ASN A 475 3.29 -1.68 12.44
C ASN A 475 3.63 -1.01 13.78
N GLY A 476 4.88 -0.60 13.93
CA GLY A 476 5.40 -0.10 15.20
C GLY A 476 5.29 1.41 15.35
N ALA A 477 4.97 2.14 14.28
CA ALA A 477 4.90 3.59 14.35
C ALA A 477 3.61 4.01 15.01
N ASN A 478 3.72 4.91 15.98
CA ASN A 478 2.54 5.37 16.72
C ASN A 478 1.55 6.17 15.84
N THR A 479 2.00 6.66 14.70
CA THR A 479 1.12 7.37 13.76
C THR A 479 0.36 6.43 12.81
N SER A 480 0.75 5.16 12.78
CA SER A 480 0.08 4.20 11.92
C SER A 480 -1.29 3.83 12.48
N PHE A 481 -2.28 3.77 11.58
CA PHE A 481 -3.61 3.30 11.92
C PHE A 481 -3.58 1.94 12.58
N VAL A 482 -2.76 1.02 12.08
CA VAL A 482 -2.73 -0.34 12.61
C VAL A 482 -2.14 -0.38 14.00
N ASN A 483 -1.32 0.61 14.34
CA ASN A 483 -0.84 0.80 15.71
C ASN A 483 -1.90 1.48 16.62
N ARG A 484 -2.49 2.57 16.14
CA ARG A 484 -3.48 3.31 16.91
C ARG A 484 -4.79 2.54 17.20
N ILE A 485 -5.19 1.63 16.30
CA ILE A 485 -6.41 0.85 16.46
C ILE A 485 -6.30 -0.07 17.68
N ALA A 486 -5.09 -0.60 17.91
CA ALA A 486 -4.81 -1.51 19.03
C ALA A 486 -4.80 -0.79 20.38
N ASP A 487 -4.56 0.53 20.34
CA ASP A 487 -4.60 1.40 21.52
C ASP A 487 -6.03 1.60 22.01
N THR A 488 -6.43 0.78 22.97
CA THR A 488 -7.80 0.78 23.51
C THR A 488 -8.17 2.12 24.17
N SER A 489 -7.17 2.97 24.43
CA SER A 489 -7.37 4.29 25.03
C SER A 489 -7.76 5.39 24.06
N LEU A 490 -7.22 5.36 22.84
CA LEU A 490 -7.54 6.37 21.81
C LEU A 490 -8.95 6.13 21.29
N PRO A 491 -9.86 7.07 21.48
CA PRO A 491 -11.26 6.82 21.08
C PRO A 491 -11.41 6.69 19.58
N LEU A 492 -12.42 5.92 19.18
CA LEU A 492 -12.72 5.68 17.79
C LEU A 492 -12.78 6.94 16.95
N ASP A 493 -13.45 7.97 17.47
CA ASP A 493 -13.61 9.20 16.69
C ASP A 493 -12.31 9.89 16.30
N GLU A 494 -11.31 9.87 17.19
CA GLU A 494 -9.99 10.44 16.89
C GLU A 494 -9.23 9.61 15.86
N LEU A 495 -9.35 8.29 16.01
CA LEU A 495 -8.71 7.32 15.11
C LEU A 495 -9.14 7.49 13.65
N VAL A 496 -10.45 7.67 13.43
CA VAL A 496 -10.98 7.84 12.08
C VAL A 496 -11.26 9.31 11.73
N ALA A 497 -10.53 10.20 12.37
CA ALA A 497 -10.72 11.63 12.19
C ALA A 497 -10.36 12.01 10.78
N ASP A 498 -11.12 12.94 10.23
CA ASP A 498 -10.92 13.40 8.86
C ASP A 498 -9.59 14.17 8.74
N PRO A 499 -8.69 13.76 7.83
CA PRO A 499 -7.38 14.42 7.71
C PRO A 499 -7.39 15.86 7.29
N VAL A 500 -8.28 16.28 6.40
CA VAL A 500 -8.35 17.68 6.01
C VAL A 500 -8.67 18.55 7.25
N THR A 501 -9.66 18.13 8.03
CA THR A 501 -10.10 18.83 9.23
C THR A 501 -8.97 18.85 10.25
N ALA A 502 -8.26 17.74 10.37
CA ALA A 502 -7.07 17.69 11.21
C ALA A 502 -6.01 18.70 10.79
N VAL A 503 -5.83 18.91 9.47
CA VAL A 503 -4.83 19.85 8.98
C VAL A 503 -5.22 21.31 9.24
N GLU A 504 -6.51 21.58 9.06
CA GLU A 504 -7.06 22.89 9.34
C GLU A 504 -7.00 23.21 10.84
N LYS A 505 -7.08 22.18 11.67
CA LYS A 505 -7.01 22.34 13.12
C LYS A 505 -5.58 22.72 13.51
N LEU A 506 -4.61 22.00 12.97
CA LEU A 506 -3.21 22.36 13.14
C LEU A 506 -2.92 23.77 12.64
N ALA A 507 -3.50 24.12 11.50
CA ALA A 507 -3.23 25.41 10.88
C ALA A 507 -3.71 26.58 11.76
N GLN A 508 -4.83 26.38 12.46
CA GLN A 508 -5.41 27.41 13.33
C GLN A 508 -4.63 27.48 14.64
N GLN A 509 -4.14 26.35 15.12
CA GLN A 509 -3.33 26.30 16.31
C GLN A 509 -1.95 26.94 16.07
N GLU A 510 -1.38 26.72 14.88
CA GLU A 510 0.03 27.01 14.61
C GLU A 510 0.30 28.28 13.83
N GLY A 511 -0.69 28.80 13.12
CA GLY A 511 -0.59 30.08 12.44
C GLY A 511 -0.49 30.01 10.93
N GLN A 512 -0.31 28.80 10.39
CA GLN A 512 -0.08 28.56 8.96
C GLN A 512 -0.46 27.11 8.61
N THR A 513 -0.91 26.92 7.37
CA THR A 513 -1.25 25.60 6.86
C THR A 513 -0.02 24.85 6.36
N GLY A 514 0.13 23.59 6.76
CA GLY A 514 1.16 22.74 6.20
C GLY A 514 2.57 22.96 6.71
N LEU A 515 2.70 23.40 7.97
CA LEU A 515 4.02 23.54 8.56
C LEU A 515 4.63 22.15 8.75
N PRO A 516 5.93 22.00 8.52
CA PRO A 516 6.60 20.71 8.75
C PRO A 516 6.48 20.19 10.17
N HIS A 517 6.72 18.90 10.37
CA HIS A 517 6.77 18.32 11.70
C HIS A 517 7.74 19.20 12.53
N PRO A 518 7.34 19.61 13.73
CA PRO A 518 8.24 20.41 14.58
C PRO A 518 9.56 19.71 14.90
N LYS A 519 9.59 18.39 14.90
CA LYS A 519 10.80 17.64 15.22
C LYS A 519 11.62 17.26 13.98
N ILE A 520 11.17 17.67 12.79
CA ILE A 520 11.87 17.35 11.55
C ILE A 520 12.13 18.65 10.79
N PRO A 521 13.19 19.36 11.21
CA PRO A 521 13.57 20.60 10.54
C PRO A 521 14.19 20.29 9.17
N LEU A 522 14.28 21.31 8.32
CA LEU A 522 14.85 21.14 6.99
C LEU A 522 16.26 20.59 7.13
N PRO A 523 16.73 19.84 6.12
CA PRO A 523 18.10 19.31 6.16
C PRO A 523 19.15 20.39 6.43
N ARG A 524 19.07 21.52 5.74
CA ARG A 524 20.03 22.63 5.91
C ARG A 524 20.10 23.22 7.33
N ASP A 525 19.03 23.08 8.11
CA ASP A 525 19.10 23.30 9.55
C ASP A 525 19.46 21.95 10.19
#